data_5XR4
#
_entry.id   5XR4
#
_cell.length_a   36.708
_cell.length_b   70.407
_cell.length_c   68.040
_cell.angle_alpha   90.00
_cell.angle_beta   97.21
_cell.angle_gamma   90.00
#
_symmetry.space_group_name_H-M   'P 1 21 1'
#
loop_
_entity.id
_entity.type
_entity.pdbx_description
1 polymer 'Ras-related protein RABA1a'
2 non-polymer 'SULFATE ION'
3 non-polymer "GUANOSINE-5'-DIPHOSPHATE"
4 non-polymer 'MAGNESIUM ION'
5 water water
#
_entity_poly.entity_id   1
_entity_poly.type   'polypeptide(L)'
_entity_poly.pdbx_seq_one_letter_code
;MGSSHHHHHHSSGLVPRGSHMYDYLFKLVLIGDSGVGKSNLLSRFTKNEFNLESKSTIGVEFATKTTKVEGKVVKAQIWD
TAGQERYRAITSAYYRGAVGALLIYDVTRHATFENAARWLRELRGHTDPNIVVMLIGNKCDLRHLVAVKTEEAKAFAERE
SLYFMETSALDATNVENAFTEVLTQIHKIVSKRS
;
_entity_poly.pdbx_strand_id   A,B
#
# COMPACT_ATOMS: atom_id res chain seq x y z
N MET A 21 -2.40 2.73 15.13
CA MET A 21 -2.21 1.76 14.05
C MET A 21 -0.74 1.77 13.57
N TYR A 22 -0.36 2.67 12.64
CA TYR A 22 1.03 2.81 12.22
C TYR A 22 1.32 4.24 11.77
N ASP A 23 2.60 4.50 11.48
CA ASP A 23 3.07 5.79 10.95
C ASP A 23 3.40 5.74 9.46
N TYR A 24 3.97 4.62 9.00
CA TYR A 24 4.30 4.42 7.59
C TYR A 24 3.88 3.04 7.13
N LEU A 25 3.40 2.97 5.90
CA LEU A 25 3.13 1.71 5.20
C LEU A 25 4.17 1.61 4.10
N PHE A 26 5.31 0.99 4.40
CA PHE A 26 6.38 0.83 3.43
C PHE A 26 6.19 -0.46 2.66
N LYS A 27 6.06 -0.38 1.33
CA LYS A 27 5.96 -1.58 0.49
C LYS A 27 7.35 -2.01 0.03
N LEU A 28 7.75 -3.24 0.35
CA LEU A 28 8.98 -3.84 -0.16
C LEU A 28 8.64 -5.00 -1.09
N VAL A 29 9.51 -5.24 -2.07
CA VAL A 29 9.32 -6.38 -2.96
C VAL A 29 10.59 -7.22 -2.98
N LEU A 30 10.42 -8.51 -3.28
CA LEU A 30 11.48 -9.50 -3.31
C LEU A 30 11.56 -10.08 -4.71
N ILE A 31 12.73 -9.98 -5.34
CA ILE A 31 12.91 -10.51 -6.69
C ILE A 31 14.17 -11.36 -6.72
N GLY A 32 14.14 -12.36 -7.58
CA GLY A 32 15.21 -13.34 -7.66
C GLY A 32 14.73 -14.49 -8.50
N ASP A 33 15.65 -15.33 -8.97
CA ASP A 33 15.24 -16.49 -9.73
C ASP A 33 14.52 -17.52 -8.84
N SER A 34 13.92 -18.52 -9.50
CA SER A 34 13.22 -19.59 -8.81
C SER A 34 14.15 -20.21 -7.76
N GLY A 35 13.62 -20.38 -6.56
CA GLY A 35 14.31 -21.15 -5.53
C GLY A 35 15.62 -20.59 -4.99
N VAL A 36 15.74 -19.26 -4.88
CA VAL A 36 16.89 -18.68 -4.19
C VAL A 36 16.60 -18.43 -2.72
N GLY A 37 15.42 -18.81 -2.25
CA GLY A 37 15.04 -18.61 -0.87
C GLY A 37 14.19 -17.41 -0.58
N LYS A 38 13.48 -16.88 -1.59
CA LYS A 38 12.65 -15.69 -1.37
C LYS A 38 11.54 -15.96 -0.36
N SER A 39 10.79 -17.06 -0.56
CA SER A 39 9.66 -17.35 0.32
C SER A 39 10.11 -17.54 1.77
N ASN A 40 11.28 -18.14 1.96
CA ASN A 40 11.78 -18.36 3.31
C ASN A 40 12.44 -17.12 3.91
N LEU A 41 12.95 -16.21 3.09
CA LEU A 41 13.36 -14.92 3.64
C LEU A 41 12.15 -14.19 4.18
N LEU A 42 11.01 -14.37 3.52
CA LEU A 42 9.79 -13.67 3.91
C LEU A 42 9.19 -14.28 5.19
N SER A 43 9.11 -15.61 5.25
CA SER A 43 8.58 -16.24 6.44
C SER A 43 9.55 -16.17 7.62
N ARG A 44 10.85 -16.03 7.36
CA ARG A 44 11.77 -15.91 8.48
C ARG A 44 11.68 -14.53 9.12
N PHE A 45 11.46 -13.48 8.32
CA PHE A 45 11.30 -12.14 8.87
C PHE A 45 9.92 -11.93 9.49
N THR A 46 8.87 -12.37 8.80
CA THR A 46 7.53 -12.06 9.25
C THR A 46 7.05 -12.97 10.38
N LYS A 47 7.43 -14.27 10.33
CA LYS A 47 6.82 -15.28 11.20
C LYS A 47 7.83 -16.08 12.00
N ASN A 48 9.13 -15.83 11.84
CA ASN A 48 10.19 -16.71 12.33
C ASN A 48 9.90 -18.17 12.03
N GLU A 49 9.67 -18.46 10.76
CA GLU A 49 9.40 -19.83 10.34
C GLU A 49 10.13 -20.10 9.03
N PHE A 50 10.71 -21.30 8.93
CA PHE A 50 11.45 -21.69 7.74
C PHE A 50 10.89 -23.02 7.24
N ASN A 51 10.45 -23.02 6.00
CA ASN A 51 9.79 -24.16 5.38
C ASN A 51 10.79 -24.87 4.48
N LEU A 52 11.16 -26.10 4.85
CA LEU A 52 12.12 -26.86 4.05
C LEU A 52 11.49 -27.51 2.82
N GLU A 53 10.18 -27.28 2.58
CA GLU A 53 9.46 -27.77 1.41
C GLU A 53 9.16 -26.62 0.44
N GLU A 61 1.02 -12.62 -3.30
CA GLU A 61 1.58 -12.95 -2.00
C GLU A 61 2.30 -11.76 -1.37
N PHE A 62 1.84 -11.37 -0.19
CA PHE A 62 2.43 -10.24 0.52
C PHE A 62 2.31 -10.41 2.03
N ALA A 63 3.46 -10.38 2.72
CA ALA A 63 3.48 -10.53 4.16
C ALA A 63 3.62 -9.18 4.86
N THR A 64 3.11 -9.10 6.08
CA THR A 64 3.18 -7.85 6.86
C THR A 64 3.91 -8.06 8.17
N LYS A 65 4.85 -7.17 8.47
CA LYS A 65 5.42 -7.04 9.79
C LYS A 65 5.30 -5.58 10.19
N THR A 66 5.15 -5.32 11.48
CA THR A 66 5.26 -3.96 11.99
C THR A 66 6.37 -3.92 13.03
N THR A 67 7.27 -2.94 12.88
CA THR A 67 8.46 -2.77 13.71
C THR A 67 8.65 -1.28 14.00
N LYS A 68 9.41 -0.96 15.04
CA LYS A 68 9.69 0.43 15.38
C LYS A 68 11.03 0.82 14.79
N VAL A 69 11.00 1.44 13.62
CA VAL A 69 12.19 1.98 12.98
C VAL A 69 12.34 3.44 13.40
N GLU A 70 13.39 3.72 14.17
CA GLU A 70 13.70 5.07 14.67
C GLU A 70 12.49 5.69 15.37
N GLY A 71 11.97 4.95 16.35
CA GLY A 71 10.78 5.40 17.07
C GLY A 71 9.45 5.23 16.35
N LYS A 72 9.41 5.56 15.06
CA LYS A 72 8.14 5.54 14.33
C LYS A 72 7.73 4.11 14.02
N VAL A 73 6.44 3.83 14.17
CA VAL A 73 5.90 2.52 13.80
C VAL A 73 5.91 2.41 12.28
N VAL A 74 6.41 1.30 11.75
CA VAL A 74 6.38 1.04 10.32
C VAL A 74 5.70 -0.30 10.10
N LYS A 75 4.78 -0.35 9.16
CA LYS A 75 4.12 -1.59 8.76
C LYS A 75 4.61 -1.92 7.36
N ALA A 76 5.49 -2.92 7.24
CA ALA A 76 6.01 -3.33 5.95
C ALA A 76 5.06 -4.32 5.30
N GLN A 77 4.67 -4.05 4.06
CA GLN A 77 3.99 -5.02 3.22
C GLN A 77 5.00 -5.56 2.24
N ILE A 78 5.38 -6.83 2.40
CA ILE A 78 6.51 -7.38 1.66
C ILE A 78 6.01 -8.36 0.63
N TRP A 79 6.13 -7.98 -0.65
CA TRP A 79 5.68 -8.78 -1.78
C TRP A 79 6.76 -9.77 -2.21
N ASP A 80 6.31 -10.93 -2.71
CA ASP A 80 7.25 -11.95 -3.17
C ASP A 80 6.58 -12.79 -4.25
N THR A 81 7.17 -12.78 -5.44
CA THR A 81 6.65 -13.58 -6.54
C THR A 81 6.85 -15.07 -6.33
N THR A 91 2.25 -7.12 -13.15
CA THR A 91 3.69 -6.88 -13.02
C THR A 91 3.98 -5.41 -12.74
N SER A 92 3.27 -4.51 -13.41
CA SER A 92 3.25 -3.12 -12.94
C SER A 92 2.74 -3.04 -11.51
N ALA A 93 1.58 -3.66 -11.25
CA ALA A 93 1.04 -3.67 -9.90
C ALA A 93 1.98 -4.33 -8.90
N TYR A 94 2.87 -5.22 -9.36
CA TYR A 94 3.84 -5.80 -8.45
C TYR A 94 4.82 -4.77 -7.93
N TYR A 95 5.39 -3.96 -8.84
CA TYR A 95 6.45 -3.03 -8.47
C TYR A 95 5.89 -1.74 -7.90
N ARG A 96 4.79 -1.25 -8.46
CA ARG A 96 4.34 0.10 -8.20
C ARG A 96 4.08 0.35 -6.73
N GLY A 97 4.60 1.47 -6.21
CA GLY A 97 4.48 1.83 -4.82
C GLY A 97 5.65 1.39 -3.98
N ALA A 98 6.42 0.42 -4.46
CA ALA A 98 7.55 -0.13 -3.70
C ALA A 98 8.54 0.96 -3.33
N VAL A 99 8.75 1.16 -2.04
CA VAL A 99 9.83 2.02 -1.55
C VAL A 99 11.16 1.29 -1.39
N GLY A 100 11.18 -0.03 -1.48
CA GLY A 100 12.39 -0.78 -1.19
C GLY A 100 12.34 -2.12 -1.89
N ALA A 101 13.51 -2.72 -2.04
CA ALA A 101 13.60 -4.01 -2.70
C ALA A 101 14.84 -4.78 -2.25
N LEU A 102 14.72 -6.09 -2.29
CA LEU A 102 15.79 -7.02 -1.95
C LEU A 102 15.99 -7.92 -3.16
N LEU A 103 17.09 -7.71 -3.88
CA LEU A 103 17.52 -8.54 -4.99
C LEU A 103 18.22 -9.78 -4.42
N ILE A 104 17.66 -10.95 -4.65
CA ILE A 104 18.13 -12.15 -3.97
C ILE A 104 18.64 -13.15 -4.99
N TYR A 105 19.86 -13.64 -4.78
CA TYR A 105 20.46 -14.73 -5.53
C TYR A 105 20.87 -15.82 -4.56
N ASP A 106 21.23 -16.97 -5.12
CA ASP A 106 21.58 -18.14 -4.33
C ASP A 106 23.08 -18.36 -4.46
N VAL A 107 23.77 -18.14 -3.34
CA VAL A 107 25.22 -18.28 -3.18
C VAL A 107 25.79 -19.52 -3.84
N THR A 108 25.02 -20.59 -3.92
CA THR A 108 25.59 -21.82 -4.45
C THR A 108 25.32 -22.01 -5.94
N ARG A 109 24.58 -21.11 -6.57
CA ARG A 109 24.22 -21.24 -7.98
C ARG A 109 24.61 -19.93 -8.65
N HIS A 110 25.74 -19.96 -9.36
CA HIS A 110 26.31 -18.74 -9.90
C HIS A 110 25.40 -18.11 -10.94
N ALA A 111 24.62 -18.94 -11.67
CA ALA A 111 23.73 -18.41 -12.68
C ALA A 111 22.66 -17.50 -12.09
N THR A 112 22.24 -17.76 -10.85
CA THR A 112 21.23 -16.90 -10.24
C THR A 112 21.81 -15.52 -9.92
N PHE A 113 23.13 -15.43 -9.71
CA PHE A 113 23.77 -14.14 -9.49
C PHE A 113 24.00 -13.40 -10.79
N GLU A 114 24.36 -14.14 -11.86
CA GLU A 114 24.45 -13.52 -13.18
C GLU A 114 23.14 -12.84 -13.55
N ASN A 115 22.02 -13.46 -13.19
CA ASN A 115 20.71 -12.91 -13.50
C ASN A 115 20.32 -11.77 -12.60
N ALA A 116 21.11 -11.45 -11.58
CA ALA A 116 20.83 -10.25 -10.80
C ALA A 116 20.82 -9.01 -11.69
N ALA A 117 21.52 -9.07 -12.83
CA ALA A 117 21.55 -7.93 -13.74
C ALA A 117 20.22 -7.75 -14.45
N ARG A 118 19.72 -8.80 -15.15
CA ARG A 118 18.44 -8.67 -15.81
C ARG A 118 17.34 -8.31 -14.82
N TRP A 119 17.47 -8.80 -13.58
CA TRP A 119 16.51 -8.42 -12.55
C TRP A 119 16.59 -6.93 -12.23
N LEU A 120 17.80 -6.41 -12.03
CA LEU A 120 17.98 -5.00 -11.70
C LEU A 120 17.46 -4.09 -12.80
N ARG A 121 17.61 -4.51 -14.06
CA ARG A 121 17.03 -3.79 -15.17
C ARG A 121 15.51 -3.73 -15.07
N GLU A 122 14.86 -4.88 -14.86
CA GLU A 122 13.41 -4.88 -14.74
C GLU A 122 12.96 -4.01 -13.56
N LEU A 123 13.65 -4.12 -12.42
CA LEU A 123 13.27 -3.33 -11.25
C LEU A 123 13.29 -1.84 -11.53
N ARG A 124 14.38 -1.35 -12.15
CA ARG A 124 14.60 0.10 -12.28
C ARG A 124 13.65 0.73 -13.28
N GLY A 125 13.18 -0.02 -14.27
CA GLY A 125 12.18 0.51 -15.17
C GLY A 125 10.79 0.61 -14.61
N HIS A 126 10.59 0.24 -13.33
CA HIS A 126 9.26 0.16 -12.73
C HIS A 126 9.14 0.82 -11.37
N THR A 127 10.21 1.34 -10.80
CA THR A 127 10.16 1.90 -9.47
C THR A 127 10.82 3.27 -9.46
N ASP A 128 10.50 4.03 -8.42
CA ASP A 128 11.09 5.34 -8.26
C ASP A 128 12.62 5.21 -8.29
N PRO A 129 13.31 6.19 -8.89
CA PRO A 129 14.79 6.11 -8.93
C PRO A 129 15.43 5.90 -7.57
N ASN A 130 14.96 6.59 -6.54
CA ASN A 130 15.60 6.53 -5.23
C ASN A 130 14.99 5.47 -4.32
N ILE A 131 14.78 4.29 -4.89
CA ILE A 131 14.36 3.11 -4.12
C ILE A 131 15.59 2.50 -3.44
N VAL A 132 15.42 2.04 -2.22
CA VAL A 132 16.50 1.38 -1.50
C VAL A 132 16.58 -0.06 -1.98
N VAL A 133 17.74 -0.45 -2.52
CA VAL A 133 17.94 -1.78 -3.09
C VAL A 133 19.05 -2.47 -2.30
N MET A 134 18.83 -3.73 -1.95
CA MET A 134 19.87 -4.51 -1.27
C MET A 134 20.07 -5.83 -1.99
N LEU A 135 21.26 -5.99 -2.58
CA LEU A 135 21.70 -7.30 -3.05
C LEU A 135 21.76 -8.28 -1.88
N ILE A 136 21.21 -9.47 -2.06
CA ILE A 136 21.14 -10.47 -1.00
C ILE A 136 21.65 -11.80 -1.56
N GLY A 137 22.70 -12.34 -0.94
CA GLY A 137 23.18 -13.67 -1.23
C GLY A 137 22.76 -14.61 -0.14
N ASN A 138 21.74 -15.41 -0.40
CA ASN A 138 21.12 -16.24 0.62
C ASN A 138 21.66 -17.67 0.50
N LYS A 139 21.36 -18.49 1.51
CA LYS A 139 21.93 -19.84 1.64
C LYS A 139 23.42 -19.79 1.93
N CYS A 140 23.90 -18.74 2.62
CA CYS A 140 25.31 -18.60 2.93
C CYS A 140 25.77 -19.56 4.02
N ASP A 141 24.87 -20.38 4.58
CA ASP A 141 25.27 -21.44 5.50
C ASP A 141 25.78 -22.68 4.77
N LEU A 142 25.58 -22.77 3.46
CA LEU A 142 26.20 -23.79 2.62
C LEU A 142 27.66 -23.42 2.30
N ARG A 143 28.43 -23.09 3.34
CA ARG A 143 29.78 -22.53 3.19
C ARG A 143 30.64 -23.26 2.14
N HIS A 144 30.51 -24.58 2.02
CA HIS A 144 31.39 -25.32 1.12
C HIS A 144 30.82 -25.46 -0.29
N LEU A 145 29.61 -25.01 -0.56
CA LEU A 145 29.10 -24.99 -1.93
C LEU A 145 29.01 -23.59 -2.50
N VAL A 146 29.73 -22.63 -1.93
CA VAL A 146 29.68 -21.26 -2.43
C VAL A 146 30.25 -21.24 -3.85
N ALA A 147 29.44 -20.75 -4.79
CA ALA A 147 29.84 -20.61 -6.18
C ALA A 147 29.97 -19.15 -6.58
N VAL A 148 29.57 -18.25 -5.69
CA VAL A 148 29.58 -16.81 -5.90
C VAL A 148 30.34 -16.20 -4.72
N LYS A 149 31.56 -15.74 -4.96
CA LYS A 149 32.38 -15.27 -3.86
C LYS A 149 32.03 -13.84 -3.49
N THR A 150 32.29 -13.51 -2.22
CA THR A 150 31.76 -12.30 -1.62
C THR A 150 32.28 -11.04 -2.30
N GLU A 151 33.58 -11.03 -2.63
CA GLU A 151 34.17 -9.81 -3.17
C GLU A 151 33.75 -9.59 -4.62
N GLU A 152 33.56 -10.67 -5.39
CA GLU A 152 32.76 -10.63 -6.61
C GLU A 152 31.48 -9.82 -6.42
N ALA A 153 30.66 -10.20 -5.43
CA ALA A 153 29.34 -9.60 -5.26
C ALA A 153 29.46 -8.21 -4.65
N LYS A 154 30.42 -8.01 -3.75
CA LYS A 154 30.62 -6.68 -3.20
C LYS A 154 31.09 -5.70 -4.27
N ALA A 155 31.73 -6.21 -5.33
CA ALA A 155 32.16 -5.35 -6.43
C ALA A 155 30.97 -4.95 -7.29
N PHE A 156 30.16 -5.92 -7.71
CA PHE A 156 28.98 -5.58 -8.50
C PHE A 156 28.05 -4.65 -7.75
N ALA A 157 27.88 -4.89 -6.45
CA ALA A 157 26.94 -4.10 -5.68
C ALA A 157 27.44 -2.68 -5.50
N GLU A 158 28.76 -2.48 -5.48
CA GLU A 158 29.24 -1.13 -5.36
C GLU A 158 29.24 -0.39 -6.69
N ARG A 159 29.49 -1.11 -7.79
CA ARG A 159 29.28 -0.52 -9.11
C ARG A 159 27.85 -0.01 -9.28
N GLU A 160 26.87 -0.86 -9.05
CA GLU A 160 25.48 -0.49 -9.20
C GLU A 160 24.91 0.18 -7.95
N SER A 161 25.74 0.45 -6.94
CA SER A 161 25.40 1.31 -5.81
C SER A 161 24.28 0.73 -4.94
N LEU A 162 24.36 -0.58 -4.68
CA LEU A 162 23.44 -1.34 -3.86
C LEU A 162 24.00 -1.56 -2.46
N TYR A 163 23.10 -1.84 -1.53
CA TYR A 163 23.52 -2.41 -0.25
C TYR A 163 23.70 -3.92 -0.40
N PHE A 164 24.46 -4.52 0.51
CA PHE A 164 24.76 -5.95 0.34
C PHE A 164 25.01 -6.68 1.65
N MET A 165 24.31 -7.79 1.85
CA MET A 165 24.71 -8.71 2.90
C MET A 165 24.28 -10.13 2.55
N GLU A 166 25.15 -11.08 2.88
CA GLU A 166 24.84 -12.50 2.69
C GLU A 166 23.98 -13.00 3.83
N THR A 167 23.03 -13.88 3.51
CA THR A 167 22.02 -14.25 4.48
C THR A 167 21.87 -15.77 4.50
N SER A 168 21.22 -16.24 5.55
CA SER A 168 20.69 -17.59 5.58
C SER A 168 19.30 -17.51 6.19
N ALA A 169 18.29 -17.84 5.41
CA ALA A 169 16.96 -18.02 5.99
C ALA A 169 16.89 -19.27 6.85
N LEU A 170 17.72 -20.27 6.57
CA LEU A 170 17.72 -21.52 7.31
C LEU A 170 18.01 -21.29 8.80
N ASP A 171 19.13 -20.63 9.09
CA ASP A 171 19.50 -20.40 10.49
C ASP A 171 19.41 -18.93 10.86
N ALA A 172 18.67 -18.14 10.06
CA ALA A 172 18.38 -16.74 10.36
C ALA A 172 19.63 -15.85 10.34
N THR A 173 20.68 -16.21 9.59
CA THR A 173 21.82 -15.32 9.49
C THR A 173 21.46 -14.07 8.68
N ASN A 174 21.48 -12.91 9.34
CA ASN A 174 21.33 -11.57 8.78
C ASN A 174 19.95 -11.28 8.22
N VAL A 175 19.00 -12.21 8.30
CA VAL A 175 17.65 -11.95 7.80
C VAL A 175 17.08 -10.69 8.43
N GLU A 176 17.13 -10.62 9.76
CA GLU A 176 16.43 -9.53 10.46
C GLU A 176 17.01 -8.18 10.09
N ASN A 177 18.30 -7.98 10.36
CA ASN A 177 18.78 -6.61 10.22
C ASN A 177 18.96 -6.20 8.77
N ALA A 178 18.96 -7.15 7.83
CA ALA A 178 18.84 -6.77 6.42
C ALA A 178 17.55 -5.99 6.17
N PHE A 179 16.42 -6.59 6.54
CA PHE A 179 15.13 -5.90 6.45
C PHE A 179 15.13 -4.61 7.27
N THR A 180 15.75 -4.64 8.45
CA THR A 180 15.72 -3.43 9.25
C THR A 180 16.72 -2.41 8.79
N GLU A 181 17.60 -2.73 7.83
CA GLU A 181 18.39 -1.63 7.30
C GLU A 181 17.82 -1.10 5.99
N VAL A 182 17.18 -1.95 5.20
CA VAL A 182 16.37 -1.44 4.10
C VAL A 182 15.31 -0.48 4.64
N LEU A 183 14.50 -0.93 5.60
CA LEU A 183 13.47 -0.05 6.16
C LEU A 183 14.03 1.14 6.92
N THR A 184 15.26 1.06 7.41
CA THR A 184 15.84 2.21 8.09
C THR A 184 16.50 3.17 7.11
N GLN A 185 16.99 2.67 5.98
CA GLN A 185 17.48 3.58 4.95
C GLN A 185 16.32 4.32 4.29
N ILE A 186 15.16 3.68 4.16
CA ILE A 186 13.98 4.35 3.61
C ILE A 186 13.50 5.43 4.58
N HIS A 187 13.45 5.12 5.87
CA HIS A 187 13.05 6.13 6.82
C HIS A 187 14.04 7.29 6.85
N LYS A 188 15.31 7.02 6.53
CA LYS A 188 16.31 8.08 6.47
C LYS A 188 15.96 9.09 5.38
N ILE A 189 15.52 8.57 4.22
CA ILE A 189 15.29 9.36 3.02
C ILE A 189 14.01 10.17 3.10
N VAL A 190 12.98 9.68 3.79
CA VAL A 190 11.68 10.33 3.84
C VAL A 190 11.66 11.37 4.96
N SER A 191 12.84 11.66 5.55
CA SER A 191 12.98 12.76 6.51
C SER A 191 14.38 13.39 6.46
N TYR B 22 8.43 13.24 4.21
CA TYR B 22 7.13 13.40 4.85
C TYR B 22 7.10 12.74 6.22
N ASP B 23 6.08 13.07 7.03
CA ASP B 23 6.00 12.58 8.40
C ASP B 23 5.16 11.32 8.55
N TYR B 24 4.21 11.08 7.63
CA TYR B 24 3.37 9.90 7.71
C TYR B 24 3.00 9.45 6.30
N LEU B 25 2.79 8.15 6.15
CA LEU B 25 2.23 7.58 4.92
C LEU B 25 1.03 6.73 5.33
N PHE B 26 -0.14 7.08 4.82
CA PHE B 26 -1.40 6.45 5.19
C PHE B 26 -2.06 5.89 3.93
N LYS B 27 -2.75 4.75 4.08
CA LYS B 27 -3.46 4.15 2.96
C LYS B 27 -4.97 4.32 3.18
N LEU B 28 -5.63 4.99 2.22
CA LEU B 28 -7.08 5.16 2.22
C LEU B 28 -7.72 4.40 1.06
N VAL B 29 -8.91 3.84 1.30
CA VAL B 29 -9.63 3.07 0.30
C VAL B 29 -10.97 3.75 0.01
N LEU B 30 -11.39 3.69 -1.25
CA LEU B 30 -12.68 4.19 -1.69
C LEU B 30 -13.57 3.00 -2.03
N ILE B 31 -14.70 2.90 -1.34
CA ILE B 31 -15.69 1.88 -1.63
C ILE B 31 -16.98 2.58 -2.03
N GLY B 32 -17.84 1.83 -2.70
CA GLY B 32 -19.13 2.28 -3.19
C GLY B 32 -19.46 1.62 -4.51
N ASP B 33 -20.76 1.56 -4.81
CA ASP B 33 -21.21 0.87 -6.02
C ASP B 33 -20.66 1.53 -7.28
N SER B 34 -20.62 0.75 -8.35
CA SER B 34 -20.36 1.30 -9.67
C SER B 34 -21.25 2.53 -9.89
N GLY B 35 -20.65 3.60 -10.43
CA GLY B 35 -21.38 4.77 -10.87
C GLY B 35 -21.33 5.98 -9.94
N VAL B 36 -21.17 5.76 -8.63
CA VAL B 36 -21.37 6.84 -7.66
C VAL B 36 -20.31 7.92 -7.70
N GLY B 37 -19.30 7.78 -8.56
CA GLY B 37 -18.30 8.82 -8.70
C GLY B 37 -17.08 8.70 -7.82
N LYS B 38 -16.58 7.49 -7.55
CA LYS B 38 -15.40 7.36 -6.70
C LYS B 38 -14.15 7.88 -7.42
N SER B 39 -13.96 7.47 -8.68
CA SER B 39 -12.76 7.84 -9.40
C SER B 39 -12.63 9.37 -9.54
N ASN B 40 -13.75 10.07 -9.68
CA ASN B 40 -13.78 11.53 -9.78
C ASN B 40 -13.48 12.21 -8.45
N LEU B 41 -14.02 11.68 -7.35
CA LEU B 41 -13.63 12.15 -6.01
C LEU B 41 -12.13 12.03 -5.79
N LEU B 42 -11.51 10.99 -6.35
CA LEU B 42 -10.08 10.81 -6.21
C LEU B 42 -9.27 11.73 -7.16
N SER B 43 -9.70 11.86 -8.42
CA SER B 43 -8.98 12.73 -9.34
C SER B 43 -9.06 14.18 -8.91
N ARG B 44 -10.20 14.59 -8.33
CA ARG B 44 -10.32 15.98 -7.93
C ARG B 44 -9.52 16.27 -6.67
N PHE B 45 -9.49 15.33 -5.73
CA PHE B 45 -8.71 15.56 -4.51
C PHE B 45 -7.22 15.55 -4.80
N THR B 46 -6.73 14.58 -5.57
CA THR B 46 -5.31 14.49 -5.77
C THR B 46 -4.81 15.37 -6.90
N LYS B 47 -5.65 15.70 -7.86
CA LYS B 47 -5.16 16.39 -9.05
C LYS B 47 -6.03 17.59 -9.44
N ASN B 48 -6.95 18.00 -8.58
CA ASN B 48 -7.96 19.03 -8.89
C ASN B 48 -8.53 18.83 -10.30
N GLU B 49 -8.86 17.57 -10.63
CA GLU B 49 -9.31 17.24 -11.97
C GLU B 49 -10.58 16.41 -11.92
N PHE B 50 -11.47 16.68 -12.85
CA PHE B 50 -12.75 16.01 -13.00
C PHE B 50 -12.83 15.44 -14.40
N ASN B 51 -13.30 14.22 -14.51
CA ASN B 51 -13.20 13.47 -15.75
C ASN B 51 -14.53 12.80 -16.04
N LEU B 52 -14.95 12.85 -17.31
CA LEU B 52 -16.09 12.09 -17.81
C LEU B 52 -15.69 10.77 -18.45
N GLU B 53 -14.39 10.43 -18.45
CA GLU B 53 -13.83 9.25 -19.11
C GLU B 53 -12.91 8.51 -18.15
N SER B 54 -13.47 7.65 -17.31
CA SER B 54 -12.65 6.73 -16.55
C SER B 54 -12.58 5.36 -17.20
N LYS B 55 -13.38 5.11 -18.22
CA LYS B 55 -13.40 3.80 -18.87
C LYS B 55 -12.02 3.44 -19.41
N SER B 56 -11.61 2.19 -19.16
CA SER B 56 -10.34 1.67 -19.67
C SER B 56 -10.32 0.15 -19.63
N THR B 57 -9.27 -0.43 -19.06
CA THR B 57 -9.26 -1.82 -18.64
C THR B 57 -9.46 -1.86 -17.13
N ILE B 58 -10.30 -2.79 -16.67
CA ILE B 58 -10.60 -2.93 -15.24
C ILE B 58 -9.32 -3.28 -14.46
N GLY B 59 -9.15 -2.67 -13.29
CA GLY B 59 -7.98 -2.89 -12.48
C GLY B 59 -7.70 -1.80 -11.47
N VAL B 60 -7.53 -2.19 -10.20
CA VAL B 60 -7.35 -1.23 -9.12
C VAL B 60 -6.10 -0.36 -9.37
N GLU B 61 -6.20 0.92 -9.01
CA GLU B 61 -5.18 1.94 -9.12
C GLU B 61 -5.01 2.61 -7.76
N PHE B 62 -4.03 3.51 -7.64
CA PHE B 62 -4.03 4.43 -6.50
C PHE B 62 -3.40 5.75 -6.94
N ALA B 63 -3.70 6.79 -6.16
CA ALA B 63 -3.13 8.11 -6.38
C ALA B 63 -2.67 8.68 -5.05
N THR B 64 -1.76 9.64 -5.13
CA THR B 64 -1.11 10.20 -3.95
C THR B 64 -1.36 11.70 -3.89
N LYS B 65 -1.50 12.21 -2.67
CA LYS B 65 -1.49 13.64 -2.38
C LYS B 65 -0.81 13.85 -1.03
N THR B 66 -0.14 14.99 -0.89
CA THR B 66 0.51 15.37 0.35
C THR B 66 -0.12 16.63 0.91
N THR B 67 -0.39 16.63 2.21
CA THR B 67 -1.02 17.76 2.91
C THR B 67 -0.31 18.00 4.23
N LYS B 68 -0.71 19.07 4.92
CA LYS B 68 -0.10 19.45 6.19
C LYS B 68 -1.18 19.33 7.26
N VAL B 69 -1.47 18.10 7.65
CA VAL B 69 -2.45 17.84 8.70
C VAL B 69 -1.84 18.17 10.06
N GLU B 70 -2.49 19.08 10.79
CA GLU B 70 -2.11 19.50 12.15
C GLU B 70 -0.60 19.61 12.31
N GLY B 71 -0.01 20.47 11.52
CA GLY B 71 1.42 20.71 11.62
C GLY B 71 2.27 19.75 10.83
N LYS B 72 1.93 18.47 10.88
CA LYS B 72 2.77 17.47 10.24
C LYS B 72 2.40 17.30 8.76
N VAL B 73 3.39 16.86 7.99
CA VAL B 73 3.22 16.61 6.56
C VAL B 73 2.81 15.14 6.40
N VAL B 74 1.55 14.92 6.01
CA VAL B 74 0.99 13.59 5.83
C VAL B 74 0.86 13.32 4.35
N LYS B 75 1.45 12.23 3.90
CA LYS B 75 1.24 11.72 2.55
C LYS B 75 0.16 10.65 2.60
N ALA B 76 -0.93 10.89 1.88
CA ALA B 76 -1.96 9.89 1.71
C ALA B 76 -1.75 9.20 0.37
N GLN B 77 -2.23 7.97 0.32
CA GLN B 77 -2.17 7.15 -0.88
C GLN B 77 -3.56 6.53 -0.99
N ILE B 78 -4.31 6.91 -2.01
CA ILE B 78 -5.75 6.72 -2.01
C ILE B 78 -6.10 5.73 -3.10
N TRP B 79 -6.72 4.64 -2.71
CA TRP B 79 -7.01 3.52 -3.59
C TRP B 79 -8.44 3.57 -4.11
N ASP B 80 -8.59 3.24 -5.38
CA ASP B 80 -9.86 3.24 -6.09
C ASP B 80 -10.04 1.87 -6.72
N THR B 81 -11.26 1.33 -6.68
CA THR B 81 -11.43 -0.02 -7.20
C THR B 81 -11.39 -0.08 -8.72
N ALA B 82 -11.44 1.07 -9.41
CA ALA B 82 -11.70 1.14 -10.85
C ALA B 82 -12.89 0.23 -11.08
N GLY B 83 -12.87 -0.64 -12.08
CA GLY B 83 -14.12 -1.34 -12.33
C GLY B 83 -14.36 -2.65 -11.60
N GLN B 84 -13.50 -3.07 -10.67
CA GLN B 84 -13.73 -4.37 -10.05
C GLN B 84 -14.85 -4.37 -9.02
N GLU B 85 -15.30 -3.20 -8.58
CA GLU B 85 -16.68 -2.97 -8.13
C GLU B 85 -17.60 -3.59 -9.18
N ARG B 86 -18.91 -3.42 -9.05
CA ARG B 86 -19.72 -3.71 -10.25
C ARG B 86 -19.77 -5.19 -10.61
N TYR B 87 -18.64 -5.89 -10.50
CA TYR B 87 -18.56 -7.35 -10.57
C TYR B 87 -18.27 -7.99 -9.23
N ARG B 88 -18.05 -7.18 -8.19
CA ARG B 88 -17.82 -7.68 -6.83
C ARG B 88 -16.54 -8.50 -6.73
N ALA B 89 -15.54 -8.14 -7.55
CA ALA B 89 -14.29 -8.88 -7.63
C ALA B 89 -13.16 -8.04 -7.04
N ILE B 90 -13.35 -7.69 -5.78
CA ILE B 90 -12.37 -6.96 -5.00
C ILE B 90 -11.66 -7.95 -4.11
N THR B 91 -10.36 -8.13 -4.31
CA THR B 91 -9.62 -9.05 -3.47
C THR B 91 -9.39 -8.44 -2.08
N SER B 92 -8.91 -9.26 -1.15
CA SER B 92 -8.68 -8.77 0.21
C SER B 92 -7.42 -7.92 0.29
N ALA B 93 -6.47 -8.12 -0.62
CA ALA B 93 -5.28 -7.27 -0.65
C ALA B 93 -5.66 -5.80 -0.81
N TYR B 94 -6.64 -5.50 -1.67
CA TYR B 94 -7.12 -4.13 -1.86
C TYR B 94 -7.33 -3.41 -0.53
N TYR B 95 -8.01 -4.04 0.42
CA TYR B 95 -8.31 -3.41 1.71
C TYR B 95 -7.12 -3.38 2.68
N ARG B 96 -6.09 -4.23 2.47
CA ARG B 96 -5.09 -4.47 3.52
C ARG B 96 -4.23 -3.25 3.82
N GLY B 97 -4.13 -2.91 5.09
CA GLY B 97 -3.32 -1.78 5.51
C GLY B 97 -4.02 -0.45 5.50
N ALA B 98 -5.23 -0.37 4.95
CA ALA B 98 -6.01 0.87 5.01
C ALA B 98 -6.28 1.26 6.45
N VAL B 99 -6.07 2.53 6.77
CA VAL B 99 -6.41 3.06 8.08
C VAL B 99 -7.54 4.08 8.00
N GLY B 100 -8.03 4.38 6.81
CA GLY B 100 -9.19 5.24 6.66
C GLY B 100 -9.95 4.89 5.41
N ALA B 101 -11.28 4.84 5.48
CA ALA B 101 -12.05 4.42 4.32
C ALA B 101 -13.12 5.46 3.99
N LEU B 102 -13.38 5.66 2.71
CA LEU B 102 -14.50 6.47 2.28
C LEU B 102 -15.52 5.58 1.62
N LEU B 103 -16.70 5.53 2.22
CA LEU B 103 -17.83 4.75 1.76
C LEU B 103 -18.75 5.70 0.97
N ILE B 104 -18.73 5.58 -0.35
CA ILE B 104 -19.42 6.54 -1.23
C ILE B 104 -20.76 5.98 -1.67
N TYR B 105 -21.77 6.84 -1.71
CA TYR B 105 -23.01 6.55 -2.41
C TYR B 105 -23.43 7.76 -3.23
N ASP B 106 -24.25 7.50 -4.24
CA ASP B 106 -24.76 8.53 -5.14
C ASP B 106 -26.09 9.04 -4.58
N VAL B 107 -26.11 10.32 -4.21
CA VAL B 107 -27.29 10.92 -3.56
C VAL B 107 -28.52 10.83 -4.46
N THR B 108 -28.33 10.83 -5.77
CA THR B 108 -29.49 10.80 -6.67
C THR B 108 -30.04 9.40 -6.90
N ARG B 109 -29.35 8.34 -6.49
CA ARG B 109 -29.83 6.97 -6.64
C ARG B 109 -29.90 6.31 -5.26
N HIS B 110 -31.11 5.94 -4.82
CA HIS B 110 -31.28 5.44 -3.46
C HIS B 110 -30.75 4.01 -3.32
N ALA B 111 -30.72 3.26 -4.42
CA ALA B 111 -30.22 1.89 -4.33
C ALA B 111 -28.76 1.85 -3.92
N THR B 112 -27.94 2.77 -4.43
CA THR B 112 -26.54 2.77 -4.03
C THR B 112 -26.37 3.16 -2.57
N PHE B 113 -27.39 3.72 -1.94
CA PHE B 113 -27.31 3.95 -0.51
C PHE B 113 -27.68 2.71 0.28
N GLU B 114 -28.62 1.89 -0.22
CA GLU B 114 -28.95 0.62 0.42
C GLU B 114 -27.76 -0.35 0.45
N ASN B 115 -26.83 -0.22 -0.50
CA ASN B 115 -25.64 -1.05 -0.51
C ASN B 115 -24.56 -0.57 0.45
N ALA B 116 -24.68 0.64 1.00
CA ALA B 116 -23.71 1.12 1.99
C ALA B 116 -23.43 0.07 3.04
N ALA B 117 -24.49 -0.59 3.55
CA ALA B 117 -24.32 -1.59 4.60
C ALA B 117 -23.52 -2.80 4.13
N ARG B 118 -23.74 -3.25 2.88
CA ARG B 118 -23.06 -4.44 2.38
C ARG B 118 -21.58 -4.19 2.16
N TRP B 119 -21.23 -3.02 1.60
CA TRP B 119 -19.81 -2.64 1.51
C TRP B 119 -19.21 -2.44 2.89
N LEU B 120 -20.00 -1.97 3.86
CA LEU B 120 -19.41 -1.68 5.16
C LEU B 120 -19.14 -2.98 5.93
N ARG B 121 -20.01 -3.97 5.74
CA ARG B 121 -19.73 -5.34 6.19
C ARG B 121 -18.41 -5.83 5.61
N GLU B 122 -18.32 -5.83 4.28
CA GLU B 122 -17.16 -6.34 3.58
C GLU B 122 -15.90 -5.55 3.89
N LEU B 123 -16.04 -4.26 4.17
CA LEU B 123 -14.88 -3.47 4.59
C LEU B 123 -14.39 -3.92 5.95
N ARG B 124 -15.28 -3.95 6.95
CA ARG B 124 -14.89 -4.29 8.31
C ARG B 124 -14.35 -5.72 8.41
N GLY B 125 -14.69 -6.59 7.47
CA GLY B 125 -14.15 -7.93 7.47
C GLY B 125 -12.67 -8.02 7.17
N HIS B 126 -12.07 -6.97 6.58
CA HIS B 126 -10.68 -7.04 6.14
C HIS B 126 -9.83 -5.89 6.67
N THR B 127 -10.27 -5.18 7.70
CA THR B 127 -9.54 -3.99 8.12
C THR B 127 -9.47 -3.91 9.63
N ASP B 128 -8.53 -3.08 10.09
CA ASP B 128 -8.36 -2.69 11.48
C ASP B 128 -9.74 -2.38 12.05
N PRO B 129 -10.11 -2.94 13.19
CA PRO B 129 -11.42 -2.59 13.77
C PRO B 129 -11.53 -1.11 14.13
N ASN B 130 -10.41 -0.43 14.35
CA ASN B 130 -10.36 1.00 14.60
C ASN B 130 -10.15 1.81 13.34
N ILE B 131 -10.55 1.30 12.19
CA ILE B 131 -10.40 2.07 10.97
C ILE B 131 -11.40 3.22 11.02
N VAL B 132 -10.96 4.41 10.64
CA VAL B 132 -11.88 5.54 10.53
C VAL B 132 -12.60 5.46 9.18
N VAL B 133 -13.91 5.43 9.24
CA VAL B 133 -14.76 5.35 8.05
C VAL B 133 -15.62 6.60 7.94
N MET B 134 -15.74 7.12 6.72
CA MET B 134 -16.63 8.25 6.47
C MET B 134 -17.61 7.88 5.36
N LEU B 135 -18.90 7.98 5.68
CA LEU B 135 -19.94 7.91 4.69
C LEU B 135 -19.92 9.19 3.87
N ILE B 136 -19.93 9.05 2.55
CA ILE B 136 -19.87 10.19 1.63
C ILE B 136 -21.05 10.12 0.69
N GLY B 137 -21.95 11.10 0.77
CA GLY B 137 -22.97 11.30 -0.24
C GLY B 137 -22.45 12.15 -1.37
N ASN B 138 -22.29 11.56 -2.55
CA ASN B 138 -21.73 12.28 -3.69
C ASN B 138 -22.83 12.85 -4.58
N LYS B 139 -22.44 13.83 -5.40
CA LYS B 139 -23.33 14.49 -6.35
C LYS B 139 -24.42 15.26 -5.64
N CYS B 140 -24.07 15.91 -4.53
CA CYS B 140 -25.03 16.80 -3.88
C CYS B 140 -25.32 18.05 -4.72
N ASP B 141 -24.59 18.23 -5.84
CA ASP B 141 -24.82 19.36 -6.72
C ASP B 141 -26.06 19.17 -7.56
N LEU B 142 -26.50 17.93 -7.74
CA LEU B 142 -27.79 17.66 -8.41
C LEU B 142 -28.93 17.78 -7.38
N ARG B 143 -28.95 18.93 -6.71
CA ARG B 143 -29.93 19.21 -5.66
C ARG B 143 -31.36 19.03 -6.15
N HIS B 144 -31.58 18.87 -7.45
CA HIS B 144 -32.91 18.67 -8.01
C HIS B 144 -33.27 17.20 -8.23
N LEU B 145 -32.35 16.26 -7.94
CA LEU B 145 -32.62 14.83 -8.13
C LEU B 145 -32.30 14.01 -6.87
N VAL B 146 -32.18 14.65 -5.70
CA VAL B 146 -31.84 14.00 -4.45
C VAL B 146 -32.81 12.86 -4.14
N ALA B 147 -32.36 11.61 -4.33
CA ALA B 147 -33.15 10.45 -3.90
C ALA B 147 -32.88 10.10 -2.44
N VAL B 148 -31.64 10.20 -1.98
CA VAL B 148 -31.29 9.82 -0.62
C VAL B 148 -31.40 11.05 0.27
N LYS B 149 -32.30 11.01 1.24
CA LYS B 149 -32.50 12.12 2.15
C LYS B 149 -31.37 12.20 3.17
N THR B 150 -30.88 13.42 3.42
CA THR B 150 -29.70 13.64 4.25
C THR B 150 -29.88 13.07 5.66
N GLU B 151 -31.10 13.13 6.20
CA GLU B 151 -31.31 12.64 7.57
C GLU B 151 -31.35 11.11 7.62
N GLU B 152 -31.75 10.47 6.52
CA GLU B 152 -31.64 9.02 6.40
C GLU B 152 -30.17 8.57 6.49
N ALA B 153 -29.33 9.13 5.62
CA ALA B 153 -27.89 8.91 5.65
C ALA B 153 -27.31 9.24 7.03
N LYS B 154 -27.52 10.47 7.50
CA LYS B 154 -27.10 10.85 8.85
C LYS B 154 -27.53 9.80 9.87
N ALA B 155 -28.76 9.28 9.75
CA ALA B 155 -29.24 8.28 10.69
C ALA B 155 -28.35 7.04 10.67
N PHE B 156 -28.17 6.47 9.48
CA PHE B 156 -27.37 5.26 9.33
C PHE B 156 -25.93 5.48 9.79
N ALA B 157 -25.34 6.63 9.47
CA ALA B 157 -23.96 6.90 9.86
C ALA B 157 -23.82 7.09 11.37
N GLU B 158 -24.84 7.67 12.01
CA GLU B 158 -24.86 7.70 13.47
C GLU B 158 -25.11 6.31 14.06
N ARG B 159 -25.80 5.45 13.33
CA ARG B 159 -26.06 4.08 13.79
C ARG B 159 -24.78 3.21 13.74
N GLU B 160 -23.88 3.50 12.81
CA GLU B 160 -22.68 2.71 12.58
C GLU B 160 -21.41 3.43 13.02
N SER B 161 -21.55 4.57 13.70
CA SER B 161 -20.43 5.43 14.12
C SER B 161 -19.55 5.86 12.94
N LEU B 162 -20.15 6.04 11.78
CA LEU B 162 -19.45 6.59 10.64
C LEU B 162 -19.42 8.12 10.72
N TYR B 163 -18.36 8.70 10.16
CA TYR B 163 -18.40 10.12 9.85
C TYR B 163 -19.24 10.32 8.60
N PHE B 164 -19.74 11.54 8.42
CA PHE B 164 -20.68 11.79 7.34
C PHE B 164 -20.54 13.23 6.87
N MET B 165 -20.63 13.42 5.55
CA MET B 165 -20.80 14.72 4.91
C MET B 165 -21.06 14.51 3.42
N GLU B 166 -21.85 15.42 2.83
CA GLU B 166 -22.14 15.38 1.41
C GLU B 166 -21.07 16.13 0.62
N THR B 167 -20.83 15.68 -0.61
CA THR B 167 -19.82 16.31 -1.43
C THR B 167 -20.33 16.41 -2.86
N SER B 168 -19.59 17.18 -3.65
CA SER B 168 -19.78 17.20 -5.10
C SER B 168 -18.39 17.18 -5.72
N ALA B 169 -18.08 16.11 -6.47
CA ALA B 169 -16.79 16.06 -7.16
C ALA B 169 -16.79 16.95 -8.39
N LEU B 170 -17.98 17.31 -8.89
CA LEU B 170 -18.09 18.23 -10.01
C LEU B 170 -17.59 19.63 -9.65
N ASP B 171 -18.11 20.21 -8.56
CA ASP B 171 -17.70 21.55 -8.18
C ASP B 171 -16.90 21.56 -6.89
N ALA B 172 -16.24 20.45 -6.55
CA ALA B 172 -15.26 20.34 -5.48
C ALA B 172 -15.87 20.54 -4.09
N THR B 173 -17.18 20.71 -3.99
CA THR B 173 -17.80 20.96 -2.70
C THR B 173 -17.49 19.85 -1.72
N ASN B 174 -16.77 20.20 -0.65
CA ASN B 174 -16.44 19.35 0.46
C ASN B 174 -15.46 18.23 0.12
N VAL B 175 -14.95 18.17 -1.11
CA VAL B 175 -13.97 17.15 -1.43
C VAL B 175 -12.71 17.35 -0.61
N GLU B 176 -12.24 18.59 -0.49
CA GLU B 176 -11.01 18.85 0.23
C GLU B 176 -11.12 18.43 1.69
N ASN B 177 -12.19 18.83 2.38
CA ASN B 177 -12.23 18.64 3.81
C ASN B 177 -12.91 17.36 4.23
N ALA B 178 -13.34 16.54 3.28
CA ALA B 178 -13.62 15.14 3.55
C ALA B 178 -12.34 14.37 3.83
N PHE B 179 -11.41 14.39 2.86
CA PHE B 179 -10.14 13.71 3.06
C PHE B 179 -9.37 14.31 4.22
N THR B 180 -9.46 15.63 4.42
CA THR B 180 -8.71 16.22 5.51
C THR B 180 -9.26 15.77 6.85
N GLU B 181 -10.58 15.74 6.96
CA GLU B 181 -11.21 15.28 8.20
C GLU B 181 -10.88 13.81 8.44
N VAL B 182 -10.83 13.02 7.38
CA VAL B 182 -10.31 11.65 7.47
C VAL B 182 -8.88 11.67 7.99
N LEU B 183 -7.99 12.41 7.31
CA LEU B 183 -6.57 12.38 7.64
C LEU B 183 -6.29 12.97 9.01
N THR B 184 -7.01 14.03 9.36
CA THR B 184 -6.90 14.60 10.71
C THR B 184 -7.19 13.55 11.78
N GLN B 185 -8.21 12.72 11.55
CA GLN B 185 -8.67 11.82 12.61
C GLN B 185 -7.72 10.64 12.78
N ILE B 186 -7.28 10.05 11.66
CA ILE B 186 -6.17 9.10 11.72
C ILE B 186 -5.01 9.71 12.48
N HIS B 187 -4.66 10.95 12.15
CA HIS B 187 -3.53 11.57 12.84
C HIS B 187 -3.80 11.67 14.33
N LYS B 188 -5.05 11.91 14.72
CA LYS B 188 -5.39 12.06 16.13
C LYS B 188 -5.19 10.75 16.88
N ILE B 189 -5.02 9.64 16.18
CA ILE B 189 -4.79 8.33 16.79
C ILE B 189 -3.30 8.02 16.95
N VAL B 190 -2.51 8.12 15.86
CA VAL B 190 -1.07 7.82 15.86
C VAL B 190 -0.33 8.52 16.99
N SER B 191 -0.88 9.62 17.49
CA SER B 191 -0.37 10.28 18.71
C SER B 191 -0.81 9.47 19.93
N LYS B 192 -0.20 8.27 20.03
CA LYS B 192 -0.51 7.20 21.01
C LYS B 192 -1.93 7.23 21.57
#